data_5YRZ
#
_entry.id   5YRZ
#
_cell.length_a   106.263
_cell.length_b   116.541
_cell.length_c   42.490
_cell.angle_alpha   90.00
_cell.angle_beta   90.00
_cell.angle_gamma   90.00
#
_symmetry.space_group_name_H-M   'P 21 21 2'
#
loop_
_entity.id
_entity.type
_entity.pdbx_description
1 polymer HicB
2 polymer HicA
3 non-polymer 'SULFATE ION'
4 non-polymer GLYCEROL
5 water water
#
loop_
_entity_poly.entity_id
_entity_poly.type
_entity_poly.pdbx_seq_one_letter_code
_entity_poly.pdbx_strand_id
1 'polypeptide(L)'
;HMMLVTYPALFYYDDTDGTEATYFVHFPDFEYSATQGEGISEALAMGSEWLGITVADLIESDGELPQPSDINSLSLIDND
PFKDDEDFVSTYDLDKSFISMVSVDVSEYLGSQEPIKKTLTIPKWADKLGREMGLNFSQTLTDAIADKKVQA
;
A,C
2 'polypeptide(L)'
;MGSSHHHHHHSSGLVPRGSHMMVLSGGKSAMPMTQKEMVKLLTAHGWIKTRGGKGSHIKMEKQGERPITILHGELNKYTE
RGIRKQAGL
;
B,D
#
loop_
_chem_comp.id
_chem_comp.type
_chem_comp.name
_chem_comp.formula
GOL non-polymer GLYCEROL 'C3 H8 O3'
SO4 non-polymer 'SULFATE ION' 'O4 S -2'
#
# COMPACT_ATOMS: atom_id res chain seq x y z
N MET A 2 -0.84 -9.73 7.27
CA MET A 2 -1.58 -9.37 6.07
C MET A 2 -1.40 -10.43 5.01
N MET A 3 -2.36 -10.52 4.08
CA MET A 3 -2.11 -11.22 2.82
C MET A 3 -2.17 -10.23 1.67
N LEU A 4 -1.00 -9.87 1.17
CA LEU A 4 -0.89 -8.82 0.17
C LEU A 4 -0.85 -9.42 -1.22
N VAL A 5 -1.76 -8.98 -2.08
CA VAL A 5 -1.67 -9.32 -3.49
C VAL A 5 -1.56 -8.04 -4.31
N THR A 6 -0.79 -8.11 -5.39
CA THR A 6 -0.59 -6.96 -6.24
C THR A 6 -0.81 -7.34 -7.69
N TYR A 7 -1.60 -6.53 -8.38
CA TYR A 7 -1.88 -6.70 -9.79
C TYR A 7 -1.70 -5.36 -10.47
N PRO A 8 -1.15 -5.36 -11.70
CA PRO A 8 -1.03 -4.10 -12.45
C PRO A 8 -2.39 -3.66 -12.98
N ALA A 9 -2.65 -2.35 -12.99
CA ALA A 9 -3.92 -1.86 -13.48
C ALA A 9 -3.71 -0.73 -14.47
N LEU A 10 -4.68 -0.55 -15.35
CA LEU A 10 -4.66 0.55 -16.29
C LEU A 10 -5.54 1.67 -15.75
N PHE A 11 -5.02 2.88 -15.73
CA PHE A 11 -5.79 4.02 -15.28
C PHE A 11 -6.03 4.97 -16.44
N TYR A 12 -7.26 4.99 -16.93
CA TYR A 12 -7.60 5.77 -18.12
C TYR A 12 -8.23 7.10 -17.74
N TYR A 13 -7.64 8.18 -18.21
CA TYR A 13 -8.17 9.50 -17.89
C TYR A 13 -9.18 9.96 -18.94
N ASP A 14 -10.44 10.04 -18.55
CA ASP A 14 -11.44 10.76 -19.32
C ASP A 14 -12.32 11.53 -18.35
N ASP A 15 -12.23 12.86 -18.35
CA ASP A 15 -13.00 13.66 -17.40
C ASP A 15 -14.27 14.20 -18.05
N THR A 16 -14.47 13.89 -19.32
CA THR A 16 -15.74 14.12 -19.97
C THR A 16 -16.63 13.01 -19.47
N ASP A 17 -17.95 13.19 -19.57
CA ASP A 17 -18.88 12.24 -18.99
C ASP A 17 -18.68 12.11 -17.49
N GLY A 18 -19.00 13.17 -16.74
CA GLY A 18 -18.87 13.09 -15.30
C GLY A 18 -17.54 13.16 -14.59
N THR A 19 -16.87 14.31 -14.56
CA THR A 19 -15.76 14.47 -13.60
C THR A 19 -16.27 13.99 -12.25
N GLU A 20 -15.41 13.29 -11.51
CA GLU A 20 -15.70 12.24 -10.51
C GLU A 20 -15.73 10.85 -11.11
N ALA A 21 -15.91 10.75 -12.42
CA ALA A 21 -15.66 9.52 -13.16
C ALA A 21 -14.34 9.62 -13.93
N THR A 22 -13.58 10.67 -13.66
CA THR A 22 -12.23 10.80 -14.20
C THR A 22 -11.51 9.51 -13.80
N TYR A 23 -10.57 9.03 -14.59
CA TYR A 23 -9.90 7.75 -14.23
C TYR A 23 -10.80 6.53 -14.13
N PHE A 24 -11.07 5.92 -15.28
CA PHE A 24 -11.58 4.56 -15.34
C PHE A 24 -10.47 3.54 -15.03
N VAL A 25 -10.73 2.60 -14.12
CA VAL A 25 -9.70 1.64 -13.70
C VAL A 25 -9.98 0.22 -14.18
N HIS A 26 -9.00 -0.40 -14.81
CA HIS A 26 -9.16 -1.76 -15.33
C HIS A 26 -7.95 -2.66 -15.05
N PHE A 27 -8.22 -3.87 -14.55
CA PHE A 27 -7.19 -4.90 -14.37
C PHE A 27 -7.19 -5.85 -15.57
N PRO A 28 -6.13 -5.80 -16.40
CA PRO A 28 -6.04 -6.69 -17.57
C PRO A 28 -6.15 -8.19 -17.24
N ASP A 29 -5.76 -8.57 -16.03
CA ASP A 29 -5.81 -9.97 -15.60
C ASP A 29 -7.22 -10.40 -15.19
N PHE A 30 -8.15 -9.46 -15.17
CA PHE A 30 -9.54 -9.77 -14.89
C PHE A 30 -10.43 -9.17 -15.98
N GLU A 31 -11.05 -10.04 -16.78
CA GLU A 31 -11.74 -9.62 -17.99
C GLU A 31 -12.85 -8.62 -17.74
N TYR A 32 -12.78 -7.49 -18.44
CA TYR A 32 -13.77 -6.42 -18.35
C TYR A 32 -13.91 -5.87 -16.93
N SER A 33 -12.89 -6.03 -16.09
CA SER A 33 -12.88 -5.44 -14.75
C SER A 33 -13.00 -3.94 -14.88
N ALA A 34 -13.85 -3.33 -14.07
CA ALA A 34 -14.02 -1.89 -14.10
C ALA A 34 -14.34 -1.30 -12.74
N THR A 35 -13.63 -0.23 -12.39
CA THR A 35 -14.06 0.67 -11.33
C THR A 35 -13.56 2.06 -11.67
N GLN A 36 -13.73 3.03 -10.78
CA GLN A 36 -13.35 4.41 -11.09
C GLN A 36 -13.11 5.22 -9.82
N GLY A 37 -12.47 6.38 -9.96
CA GLY A 37 -12.28 7.29 -8.85
C GLY A 37 -11.99 8.69 -9.36
N GLU A 38 -12.32 9.70 -8.58
CA GLU A 38 -12.29 11.07 -9.11
C GLU A 38 -10.86 11.54 -9.41
N GLY A 39 -9.97 11.41 -8.46
CA GLY A 39 -8.57 11.75 -8.69
C GLY A 39 -7.72 10.50 -8.70
N ILE A 40 -6.40 10.68 -8.67
CA ILE A 40 -5.46 9.57 -8.67
C ILE A 40 -5.57 8.70 -7.41
N SER A 41 -5.50 9.33 -6.24
CA SER A 41 -5.60 8.61 -4.97
C SER A 41 -6.88 7.79 -4.86
N GLU A 42 -8.02 8.41 -5.14
CA GLU A 42 -9.30 7.71 -5.04
C GLU A 42 -9.38 6.55 -6.03
N ALA A 43 -8.81 6.75 -7.22
CA ALA A 43 -8.82 5.69 -8.23
C ALA A 43 -8.06 4.46 -7.74
N LEU A 44 -6.88 4.70 -7.16
CA LEU A 44 -6.06 3.62 -6.65
C LEU A 44 -6.79 2.94 -5.50
N ALA A 45 -7.42 3.74 -4.65
CA ALA A 45 -8.15 3.20 -3.51
C ALA A 45 -9.32 2.33 -3.97
N MET A 46 -10.09 2.83 -4.92
CA MET A 46 -11.21 2.04 -5.45
C MET A 46 -10.72 0.82 -6.22
N GLY A 47 -9.59 0.94 -6.90
CA GLY A 47 -8.99 -0.20 -7.57
C GLY A 47 -8.64 -1.31 -6.58
N SER A 48 -8.01 -0.90 -5.48
CA SER A 48 -7.62 -1.83 -4.41
C SER A 48 -8.82 -2.51 -3.80
N GLU A 49 -9.87 -1.72 -3.55
CA GLU A 49 -11.10 -2.23 -2.98
C GLU A 49 -11.75 -3.26 -3.91
N TRP A 50 -11.84 -2.91 -5.19
CA TRP A 50 -12.39 -3.82 -6.19
C TRP A 50 -11.58 -5.12 -6.21
N LEU A 51 -10.25 -4.97 -6.18
CA LEU A 51 -9.35 -6.11 -6.23
C LEU A 51 -9.54 -7.01 -5.02
N GLY A 52 -9.63 -6.40 -3.84
CA GLY A 52 -9.83 -7.14 -2.61
C GLY A 52 -11.07 -8.00 -2.62
N ILE A 53 -12.19 -7.42 -3.03
CA ILE A 53 -13.46 -8.16 -3.09
C ILE A 53 -13.38 -9.31 -4.10
N THR A 54 -12.74 -9.04 -5.23
CA THR A 54 -12.66 -10.00 -6.32
C THR A 54 -11.78 -11.18 -5.95
N VAL A 55 -10.60 -10.89 -5.41
CA VAL A 55 -9.67 -11.96 -5.05
C VAL A 55 -10.20 -12.75 -3.85
N ALA A 56 -10.82 -12.06 -2.90
CA ALA A 56 -11.44 -12.72 -1.75
C ALA A 56 -12.49 -13.73 -2.18
N ASP A 57 -13.30 -13.38 -3.17
CA ASP A 57 -14.29 -14.31 -3.68
C ASP A 57 -13.62 -15.52 -4.31
N LEU A 58 -12.48 -15.31 -4.96
CA LEU A 58 -11.71 -16.40 -5.54
C LEU A 58 -11.21 -17.35 -4.43
N ILE A 59 -10.79 -16.79 -3.30
CA ILE A 59 -10.38 -17.60 -2.16
C ILE A 59 -11.52 -18.47 -1.68
N GLU A 60 -12.64 -17.82 -1.37
CA GLU A 60 -13.78 -18.47 -0.75
C GLU A 60 -14.41 -19.55 -1.63
N SER A 61 -14.38 -19.34 -2.94
CA SER A 61 -14.99 -20.28 -3.88
C SER A 61 -13.98 -21.28 -4.42
N ASP A 62 -12.75 -21.21 -3.90
CA ASP A 62 -11.67 -22.12 -4.32
C ASP A 62 -11.42 -22.05 -5.82
N GLY A 63 -11.50 -20.84 -6.38
CA GLY A 63 -11.22 -20.63 -7.79
C GLY A 63 -9.73 -20.47 -8.00
N GLU A 64 -9.34 -20.16 -9.23
CA GLU A 64 -7.94 -19.92 -9.53
C GLU A 64 -7.61 -18.44 -9.46
N LEU A 65 -6.49 -18.12 -8.83
CA LEU A 65 -5.99 -16.76 -8.86
C LEU A 65 -5.13 -16.59 -10.10
N PRO A 66 -5.47 -15.61 -10.95
CA PRO A 66 -4.69 -15.43 -12.18
C PRO A 66 -3.29 -14.95 -11.83
N GLN A 67 -2.30 -15.30 -12.65
CA GLN A 67 -0.96 -14.78 -12.43
C GLN A 67 -0.92 -13.33 -12.90
N PRO A 68 -0.35 -12.43 -12.09
CA PRO A 68 -0.28 -11.01 -12.45
C PRO A 68 0.52 -10.80 -13.73
N SER A 69 0.03 -9.94 -14.61
CA SER A 69 0.75 -9.66 -15.84
C SER A 69 2.01 -8.86 -15.54
N ASP A 70 3.00 -9.02 -16.40
CA ASP A 70 4.21 -8.22 -16.32
C ASP A 70 3.85 -6.78 -16.69
N ILE A 71 4.10 -5.86 -15.77
CA ILE A 71 3.64 -4.48 -15.93
C ILE A 71 4.33 -3.79 -17.11
N ASN A 72 5.53 -4.24 -17.43
CA ASN A 72 6.30 -3.68 -18.54
C ASN A 72 5.87 -4.20 -19.91
N SER A 73 5.07 -5.26 -19.94
CA SER A 73 4.52 -5.75 -21.21
C SER A 73 3.12 -5.21 -21.47
N LEU A 74 2.57 -4.48 -20.51
CA LEU A 74 1.23 -3.91 -20.67
C LEU A 74 1.28 -2.62 -21.51
N SER A 75 0.19 -2.36 -22.19
CA SER A 75 0.08 -1.18 -23.05
C SER A 75 -1.31 -0.56 -22.91
N LEU A 76 -1.36 0.75 -22.70
CA LEU A 76 -2.64 1.45 -22.63
C LEU A 76 -3.44 1.22 -23.90
N ILE A 77 -2.73 1.07 -25.01
CA ILE A 77 -3.34 0.82 -26.32
C ILE A 77 -3.76 -0.63 -26.49
N ASP A 78 -2.78 -1.53 -26.44
CA ASP A 78 -3.00 -2.95 -26.76
C ASP A 78 -3.85 -3.68 -25.72
N ASN A 79 -3.81 -3.23 -24.47
CA ASN A 79 -4.59 -3.87 -23.42
C ASN A 79 -5.91 -3.16 -23.12
N ASP A 80 -6.23 -2.13 -23.90
CA ASP A 80 -7.53 -1.49 -23.83
C ASP A 80 -8.61 -2.57 -23.97
N PRO A 81 -9.45 -2.73 -22.92
CA PRO A 81 -10.47 -3.78 -22.86
C PRO A 81 -11.53 -3.63 -23.93
N PHE A 82 -11.77 -2.39 -24.37
CA PHE A 82 -12.75 -2.11 -25.41
C PHE A 82 -12.17 -1.90 -26.82
N LYS A 83 -10.86 -2.10 -26.96
CA LYS A 83 -10.20 -1.78 -28.23
C LYS A 83 -10.86 -2.47 -29.43
N ASP A 84 -11.28 -3.72 -29.25
CA ASP A 84 -11.85 -4.48 -30.35
C ASP A 84 -13.34 -4.26 -30.62
N ASP A 85 -14.17 -4.21 -29.58
CA ASP A 85 -15.61 -4.16 -29.84
C ASP A 85 -16.02 -2.83 -30.43
N GLU A 86 -16.69 -2.92 -31.58
CA GLU A 86 -16.91 -1.81 -32.50
C GLU A 86 -17.97 -0.81 -32.05
N ASP A 87 -18.91 -1.26 -31.23
CA ASP A 87 -19.99 -0.41 -30.72
C ASP A 87 -19.47 0.86 -30.06
N PHE A 88 -18.34 0.70 -29.39
CA PHE A 88 -17.92 1.62 -28.34
C PHE A 88 -16.94 2.66 -28.86
N VAL A 89 -17.21 3.93 -28.58
CA VAL A 89 -16.25 4.97 -28.89
C VAL A 89 -15.64 5.50 -27.59
N SER A 90 -14.38 5.14 -27.38
CA SER A 90 -13.66 5.59 -26.20
C SER A 90 -13.09 6.96 -26.47
N THR A 91 -13.16 7.86 -25.50
CA THR A 91 -12.34 9.04 -25.60
C THR A 91 -11.35 9.05 -24.45
N TYR A 92 -10.14 8.58 -24.71
CA TYR A 92 -9.15 8.48 -23.64
C TYR A 92 -8.21 9.65 -23.77
N ASP A 93 -7.77 10.21 -22.64
CA ASP A 93 -6.65 11.11 -22.72
C ASP A 93 -5.47 10.28 -22.28
N LEU A 94 -4.66 9.87 -23.25
CA LEU A 94 -3.60 8.90 -23.01
C LEU A 94 -2.40 9.55 -22.35
N ASP A 95 -2.25 10.86 -22.54
CA ASP A 95 -1.17 11.60 -21.91
C ASP A 95 -1.36 11.63 -20.39
N LYS A 96 -2.62 11.60 -19.97
CA LYS A 96 -2.95 11.59 -18.56
C LYS A 96 -3.24 10.18 -18.04
N SER A 97 -3.26 9.21 -18.94
CA SER A 97 -3.50 7.82 -18.55
C SER A 97 -2.18 7.18 -18.18
N PHE A 98 -2.23 6.28 -17.19
CA PHE A 98 -1.00 5.62 -16.76
C PHE A 98 -1.23 4.18 -16.36
N ILE A 99 -0.14 3.44 -16.23
CA ILE A 99 -0.17 2.08 -15.73
C ILE A 99 0.44 2.05 -14.34
N SER A 100 -0.14 1.31 -13.42
CA SER A 100 0.42 1.23 -12.08
C SER A 100 0.08 -0.08 -11.39
N MET A 101 0.90 -0.45 -10.41
CA MET A 101 0.59 -1.55 -9.52
C MET A 101 -0.52 -1.15 -8.57
N VAL A 102 -1.39 -2.11 -8.24
CA VAL A 102 -2.37 -1.92 -7.18
C VAL A 102 -2.26 -3.05 -6.17
N SER A 103 -2.09 -2.70 -4.90
CA SER A 103 -1.96 -3.68 -3.83
C SER A 103 -3.21 -3.73 -2.98
N VAL A 104 -3.51 -4.89 -2.41
CA VAL A 104 -4.60 -4.98 -1.46
C VAL A 104 -4.30 -6.07 -0.44
N ASP A 105 -4.73 -5.83 0.80
CA ASP A 105 -4.64 -6.87 1.82
C ASP A 105 -5.95 -7.63 1.82
N VAL A 106 -5.93 -8.86 1.32
CA VAL A 106 -7.14 -9.62 1.11
C VAL A 106 -7.79 -10.03 2.43
N SER A 107 -6.98 -10.06 3.49
CA SER A 107 -7.45 -10.35 4.84
C SER A 107 -8.67 -9.53 5.20
N GLU A 108 -8.65 -8.27 4.80
CA GLU A 108 -9.69 -7.33 5.17
C GLU A 108 -11.00 -7.60 4.43
N TYR A 109 -10.91 -8.29 3.29
CA TYR A 109 -12.09 -8.54 2.46
C TYR A 109 -12.69 -9.92 2.56
N LEU A 110 -12.10 -10.80 3.37
CA LEU A 110 -12.62 -12.16 3.52
C LEU A 110 -13.96 -12.17 4.24
N GLY A 111 -14.93 -12.88 3.69
CA GLY A 111 -16.26 -12.91 4.24
C GLY A 111 -16.38 -13.68 5.53
N SER A 112 -17.22 -13.18 6.43
CA SER A 112 -17.56 -13.88 7.66
C SER A 112 -18.91 -14.63 7.56
N GLN A 113 -19.51 -14.65 6.38
CA GLN A 113 -20.85 -15.23 6.24
C GLN A 113 -20.86 -16.73 6.56
N GLU A 114 -22.02 -17.23 6.96
CA GLU A 114 -22.24 -18.65 7.29
C GLU A 114 -21.32 -19.19 8.41
N PRO A 115 -21.37 -18.56 9.60
CA PRO A 115 -20.46 -18.97 10.68
C PRO A 115 -20.66 -20.42 11.13
N ILE A 116 -19.57 -21.16 11.26
CA ILE A 116 -19.60 -22.55 11.72
C ILE A 116 -18.91 -22.61 13.07
N LYS A 117 -19.48 -23.34 14.03
CA LYS A 117 -18.85 -23.50 15.34
C LYS A 117 -17.87 -24.67 15.31
N LYS A 118 -16.64 -24.44 15.78
CA LYS A 118 -15.62 -25.47 15.77
C LYS A 118 -14.84 -25.53 17.08
N THR A 119 -14.91 -26.68 17.75
CA THR A 119 -14.17 -26.89 18.98
C THR A 119 -12.91 -27.71 18.69
N LEU A 120 -11.77 -27.24 19.18
CA LEU A 120 -10.51 -27.95 19.01
C LEU A 120 -9.56 -27.70 20.15
N THR A 121 -8.37 -28.26 20.02
CA THR A 121 -7.35 -28.17 21.04
C THR A 121 -6.04 -27.61 20.47
N ILE A 122 -5.44 -26.68 21.22
CA ILE A 122 -4.08 -26.23 20.93
C ILE A 122 -3.24 -26.30 22.21
N PRO A 123 -1.92 -26.50 22.07
CA PRO A 123 -1.06 -26.56 23.26
C PRO A 123 -1.05 -25.27 24.07
N LYS A 124 -0.79 -25.38 25.37
CA LYS A 124 -0.87 -24.25 26.29
C LYS A 124 0.02 -23.06 25.90
N TRP A 125 1.21 -23.34 25.38
CA TRP A 125 2.11 -22.26 24.97
C TRP A 125 1.49 -21.43 23.83
N ALA A 126 0.82 -22.10 22.90
CA ALA A 126 0.19 -21.41 21.79
C ALA A 126 -0.99 -20.58 22.28
N ASP A 127 -1.70 -21.10 23.27
CA ASP A 127 -2.84 -20.41 23.83
C ASP A 127 -2.40 -19.13 24.54
N LYS A 128 -1.38 -19.25 25.39
CA LYS A 128 -0.89 -18.09 26.14
C LYS A 128 -0.21 -17.07 25.20
N LEU A 129 0.56 -17.55 24.22
CA LEU A 129 1.21 -16.68 23.27
C LEU A 129 0.18 -15.90 22.45
N GLY A 130 -0.84 -16.61 22.00
CA GLY A 130 -1.89 -16.01 21.19
C GLY A 130 -2.67 -14.98 21.98
N ARG A 131 -2.84 -15.23 23.27
CA ARG A 131 -3.62 -14.31 24.09
C ARG A 131 -2.79 -13.09 24.47
N GLU A 132 -1.48 -13.28 24.57
CA GLU A 132 -0.60 -12.16 24.92
C GLU A 132 -0.57 -11.15 23.78
N MET A 133 -0.72 -11.63 22.56
CA MET A 133 -0.79 -10.74 21.41
C MET A 133 -2.20 -10.21 21.20
N GLY A 134 -3.13 -10.68 22.04
CA GLY A 134 -4.51 -10.29 21.94
C GLY A 134 -5.16 -10.73 20.64
N LEU A 135 -4.86 -11.95 20.21
CA LEU A 135 -5.35 -12.45 18.94
C LEU A 135 -6.83 -12.82 18.98
N ASN A 136 -7.48 -12.76 17.82
CA ASN A 136 -8.75 -13.43 17.64
C ASN A 136 -8.41 -14.81 17.07
N PHE A 137 -8.60 -15.85 17.87
CA PHE A 137 -8.17 -17.20 17.48
C PHE A 137 -8.94 -17.70 16.27
N SER A 138 -10.25 -17.42 16.25
CA SER A 138 -11.10 -17.79 15.12
C SER A 138 -10.58 -17.18 13.82
N GLN A 139 -10.35 -15.87 13.85
CA GLN A 139 -9.91 -15.14 12.66
C GLN A 139 -8.51 -15.56 12.23
N THR A 140 -7.67 -15.86 13.21
CA THR A 140 -6.33 -16.39 12.94
C THR A 140 -6.40 -17.70 12.14
N LEU A 141 -7.33 -18.58 12.50
CA LEU A 141 -7.49 -19.84 11.79
C LEU A 141 -8.02 -19.57 10.39
N THR A 142 -9.05 -18.74 10.30
CA THR A 142 -9.65 -18.40 9.02
C THR A 142 -8.60 -17.81 8.07
N ASP A 143 -7.83 -16.84 8.57
CA ASP A 143 -6.79 -16.21 7.77
C ASP A 143 -5.75 -17.21 7.30
N ALA A 144 -5.34 -18.09 8.20
CA ALA A 144 -4.34 -19.11 7.90
C ALA A 144 -4.80 -20.05 6.79
N ILE A 145 -6.08 -20.39 6.82
CA ILE A 145 -6.69 -21.26 5.81
C ILE A 145 -6.70 -20.58 4.43
N ALA A 146 -7.05 -19.30 4.42
CA ALA A 146 -7.04 -18.51 3.21
C ALA A 146 -5.63 -18.42 2.64
N ASP A 147 -4.68 -18.17 3.54
CA ASP A 147 -3.27 -18.05 3.16
C ASP A 147 -2.72 -19.33 2.54
N LYS A 148 -3.11 -20.49 3.09
CA LYS A 148 -2.72 -21.77 2.51
C LYS A 148 -3.25 -21.90 1.09
N LYS A 149 -4.50 -21.49 0.88
CA LYS A 149 -5.13 -21.51 -0.44
C LYS A 149 -4.38 -20.64 -1.44
N VAL A 150 -3.96 -19.46 -1.00
CA VAL A 150 -3.25 -18.50 -1.85
C VAL A 150 -1.87 -19.02 -2.29
N GLN A 151 -1.26 -19.85 -1.45
CA GLN A 151 0.10 -20.32 -1.70
C GLN A 151 0.16 -21.83 -1.94
N PRO B 32 -28.07 2.37 -16.52
CA PRO B 32 -27.25 2.39 -15.31
C PRO B 32 -26.25 3.52 -15.29
N MET B 33 -26.78 4.74 -15.19
CA MET B 33 -25.97 5.88 -14.87
C MET B 33 -25.45 5.70 -13.44
N THR B 34 -26.19 4.96 -12.62
CA THR B 34 -25.85 4.78 -11.22
C THR B 34 -25.78 3.32 -10.78
N GLN B 35 -25.16 3.10 -9.63
CA GLN B 35 -25.10 1.79 -9.00
C GLN B 35 -26.48 1.20 -8.82
N LYS B 36 -27.41 2.00 -8.31
CA LYS B 36 -28.76 1.52 -8.03
C LYS B 36 -29.43 1.05 -9.32
N GLU B 37 -29.23 1.80 -10.40
CA GLU B 37 -29.79 1.41 -11.70
C GLU B 37 -29.12 0.14 -12.24
N MET B 38 -27.80 0.04 -12.09
CA MET B 38 -27.09 -1.17 -12.49
C MET B 38 -27.63 -2.39 -11.75
N VAL B 39 -27.75 -2.27 -10.43
CA VAL B 39 -28.27 -3.35 -9.59
C VAL B 39 -29.66 -3.81 -10.06
N LYS B 40 -30.54 -2.85 -10.34
CA LYS B 40 -31.88 -3.17 -10.83
C LYS B 40 -31.79 -3.95 -12.14
N LEU B 41 -30.93 -3.47 -13.04
CA LEU B 41 -30.74 -4.10 -14.33
C LEU B 41 -30.27 -5.55 -14.20
N LEU B 42 -29.24 -5.78 -13.39
CA LEU B 42 -28.71 -7.12 -13.21
C LEU B 42 -29.68 -8.05 -12.50
N THR B 43 -30.47 -7.49 -11.59
CA THR B 43 -31.47 -8.26 -10.87
C THR B 43 -32.52 -8.80 -11.85
N ALA B 44 -32.87 -7.99 -12.84
CA ALA B 44 -33.81 -8.40 -13.89
C ALA B 44 -33.25 -9.56 -14.70
N HIS B 45 -31.92 -9.61 -14.80
CA HIS B 45 -31.24 -10.64 -15.57
C HIS B 45 -30.76 -11.81 -14.71
N GLY B 46 -31.17 -11.86 -13.45
CA GLY B 46 -30.97 -13.04 -12.62
C GLY B 46 -29.87 -12.94 -11.58
N TRP B 47 -29.22 -11.79 -11.49
CA TRP B 47 -28.20 -11.56 -10.47
C TRP B 47 -28.84 -11.15 -9.15
N ILE B 48 -28.21 -11.54 -8.04
CA ILE B 48 -28.70 -11.14 -6.72
C ILE B 48 -27.66 -10.31 -5.98
N LYS B 49 -28.09 -9.25 -5.31
CA LYS B 49 -27.17 -8.49 -4.46
C LYS B 49 -26.97 -9.25 -3.17
N THR B 50 -25.72 -9.55 -2.85
CA THR B 50 -25.40 -10.23 -1.60
C THR B 50 -24.87 -9.24 -0.57
N ARG B 51 -24.49 -9.75 0.58
CA ARG B 51 -23.86 -8.95 1.63
C ARG B 51 -22.35 -8.99 1.50
N GLY B 52 -21.85 -9.67 0.48
CA GLY B 52 -20.42 -9.82 0.28
C GLY B 52 -19.66 -8.55 -0.08
N GLY B 53 -20.38 -7.46 -0.31
CA GLY B 53 -19.76 -6.20 -0.65
C GLY B 53 -19.01 -5.55 0.50
N LYS B 54 -18.09 -4.64 0.17
CA LYS B 54 -17.30 -3.92 1.16
C LYS B 54 -17.07 -2.48 0.69
N GLY B 55 -16.82 -1.58 1.63
CA GLY B 55 -16.50 -0.21 1.27
C GLY B 55 -17.56 0.44 0.40
N SER B 56 -17.12 0.96 -0.75
CA SER B 56 -18.00 1.62 -1.71
C SER B 56 -18.46 0.75 -2.88
N HIS B 57 -18.13 -0.54 -2.85
CA HIS B 57 -18.60 -1.47 -3.87
C HIS B 57 -19.64 -2.45 -3.33
N ILE B 58 -20.64 -2.79 -4.14
CA ILE B 58 -21.51 -3.91 -3.80
C ILE B 58 -21.16 -5.13 -4.63
N LYS B 59 -21.78 -6.25 -4.30
CA LYS B 59 -21.42 -7.52 -4.89
C LYS B 59 -22.65 -8.23 -5.45
N MET B 60 -22.67 -8.45 -6.76
CA MET B 60 -23.72 -9.21 -7.40
C MET B 60 -23.25 -10.62 -7.65
N GLU B 61 -24.10 -11.61 -7.35
CA GLU B 61 -23.74 -13.00 -7.60
C GLU B 61 -24.84 -13.72 -8.36
N LYS B 62 -24.44 -14.65 -9.22
CA LYS B 62 -25.35 -15.47 -10.01
C LYS B 62 -24.74 -16.86 -10.17
N GLN B 63 -25.55 -17.89 -9.97
CA GLN B 63 -25.05 -19.27 -10.02
C GLN B 63 -24.36 -19.58 -11.34
N GLY B 64 -23.11 -20.04 -11.26
CA GLY B 64 -22.34 -20.40 -12.44
C GLY B 64 -21.57 -19.27 -13.07
N GLU B 65 -21.66 -18.08 -12.46
CA GLU B 65 -20.94 -16.91 -12.96
C GLU B 65 -19.99 -16.37 -11.91
N ARG B 66 -18.89 -15.76 -12.34
CA ARG B 66 -18.05 -15.05 -11.40
C ARG B 66 -18.76 -13.76 -11.02
N PRO B 67 -18.74 -13.40 -9.73
CA PRO B 67 -19.54 -12.27 -9.27
C PRO B 67 -19.11 -10.95 -9.88
N ILE B 68 -20.04 -10.00 -9.92
CA ILE B 68 -19.77 -8.68 -10.47
C ILE B 68 -19.74 -7.68 -9.31
N THR B 69 -18.72 -6.84 -9.31
CA THR B 69 -18.50 -5.88 -8.22
C THR B 69 -18.74 -4.46 -8.70
N ILE B 70 -19.69 -3.76 -8.07
CA ILE B 70 -20.21 -2.51 -8.63
C ILE B 70 -19.98 -1.30 -7.73
N LEU B 71 -19.34 -0.28 -8.29
CA LEU B 71 -19.03 0.94 -7.54
C LEU B 71 -20.27 1.76 -7.18
N HIS B 72 -20.21 2.42 -6.03
CA HIS B 72 -21.26 3.31 -5.56
C HIS B 72 -21.40 4.56 -6.43
N GLY B 73 -22.62 5.06 -6.54
CA GLY B 73 -22.88 6.32 -7.19
C GLY B 73 -22.97 6.20 -8.69
N GLU B 74 -22.50 7.23 -9.39
CA GLU B 74 -22.66 7.30 -10.84
C GLU B 74 -21.53 6.61 -11.60
N LEU B 75 -21.90 5.82 -12.59
CA LEU B 75 -20.96 5.04 -13.38
C LEU B 75 -20.87 5.58 -14.80
N ASN B 76 -19.66 5.87 -15.28
CA ASN B 76 -19.54 6.44 -16.61
C ASN B 76 -19.52 5.36 -17.68
N LYS B 77 -19.34 5.77 -18.93
CA LYS B 77 -19.51 4.88 -20.06
C LYS B 77 -18.59 3.66 -20.03
N TYR B 78 -17.38 3.83 -19.49
CA TYR B 78 -16.43 2.73 -19.42
C TYR B 78 -16.85 1.70 -18.39
N THR B 79 -17.12 2.17 -17.17
CA THR B 79 -17.52 1.30 -16.08
C THR B 79 -18.83 0.57 -16.36
N GLU B 80 -19.81 1.30 -16.88
CA GLU B 80 -21.10 0.69 -17.22
C GLU B 80 -20.91 -0.40 -18.26
N ARG B 81 -20.11 -0.09 -19.27
CA ARG B 81 -19.84 -1.03 -20.35
C ARG B 81 -19.09 -2.26 -19.85
N GLY B 82 -18.10 -2.03 -18.99
CA GLY B 82 -17.33 -3.12 -18.40
C GLY B 82 -18.20 -4.08 -17.63
N ILE B 83 -19.08 -3.53 -16.79
CA ILE B 83 -20.02 -4.32 -16.01
C ILE B 83 -21.03 -5.06 -16.89
N ARG B 84 -21.50 -4.38 -17.95
CA ARG B 84 -22.41 -5.02 -18.90
C ARG B 84 -21.74 -6.20 -19.59
N LYS B 85 -20.49 -6.02 -20.00
CA LYS B 85 -19.76 -7.09 -20.67
C LYS B 85 -19.49 -8.25 -19.70
N GLN B 86 -19.24 -7.94 -18.44
CA GLN B 86 -19.08 -8.97 -17.42
C GLN B 86 -20.35 -9.81 -17.28
N ALA B 87 -21.50 -9.19 -17.50
CA ALA B 87 -22.78 -9.86 -17.32
C ALA B 87 -23.27 -10.51 -18.61
N GLY B 88 -22.44 -10.44 -19.65
CA GLY B 88 -22.77 -11.05 -20.92
C GLY B 88 -23.88 -10.31 -21.65
N LEU B 89 -23.95 -9.00 -21.44
CA LEU B 89 -24.91 -8.18 -22.15
C LEU B 89 -24.37 -6.78 -22.46
N MET C 3 -6.83 10.69 4.90
CA MET C 3 -5.92 11.60 4.22
C MET C 3 -4.99 10.87 3.24
N LEU C 4 -5.49 10.59 2.04
CA LEU C 4 -4.73 9.86 1.04
C LEU C 4 -3.80 10.77 0.26
N VAL C 5 -2.55 10.33 0.08
CA VAL C 5 -1.63 10.99 -0.84
C VAL C 5 -0.99 9.94 -1.73
N THR C 6 -0.60 10.35 -2.93
CA THR C 6 -0.04 9.42 -3.89
C THR C 6 1.14 10.02 -4.61
N TYR C 7 2.26 9.30 -4.62
CA TYR C 7 3.44 9.74 -5.35
C TYR C 7 3.96 8.63 -6.21
N PRO C 8 4.49 8.97 -7.38
CA PRO C 8 5.08 7.94 -8.24
C PRO C 8 6.44 7.53 -7.68
N ALA C 9 6.80 6.26 -7.84
CA ALA C 9 8.09 5.78 -7.33
C ALA C 9 8.78 4.91 -8.37
N LEU C 10 10.10 4.82 -8.26
CA LEU C 10 10.89 3.97 -9.14
C LEU C 10 11.27 2.70 -8.40
N PHE C 11 11.02 1.55 -9.01
CA PHE C 11 11.36 0.30 -8.36
C PHE C 11 12.50 -0.36 -9.11
N TYR C 12 13.69 -0.35 -8.50
CA TYR C 12 14.87 -0.87 -9.17
C TYR C 12 15.16 -2.30 -8.73
N TYR C 13 15.09 -3.22 -9.67
CA TYR C 13 15.46 -4.59 -9.43
C TYR C 13 16.98 -4.73 -9.41
N ASP C 14 17.55 -5.25 -8.34
CA ASP C 14 18.93 -5.70 -8.38
C ASP C 14 19.11 -7.08 -7.75
N ASP C 15 19.56 -8.01 -8.59
CA ASP C 15 19.83 -9.39 -8.22
C ASP C 15 21.21 -9.60 -7.60
N THR C 16 22.15 -8.72 -7.94
CA THR C 16 23.56 -8.95 -7.61
C THR C 16 23.88 -8.87 -6.11
N ASP C 17 22.97 -8.29 -5.34
CA ASP C 17 23.19 -8.08 -3.90
C ASP C 17 23.34 -9.42 -3.16
N GLY C 18 23.08 -10.51 -3.88
CA GLY C 18 23.36 -11.86 -3.40
C GLY C 18 22.32 -12.93 -3.05
N THR C 19 21.03 -12.62 -2.80
CA THR C 19 20.46 -11.31 -2.53
C THR C 19 19.38 -11.53 -1.48
N GLU C 20 18.80 -10.45 -0.94
CA GLU C 20 17.57 -10.56 -0.18
C GLU C 20 16.51 -9.65 -0.79
N ALA C 21 16.63 -8.35 -0.53
CA ALA C 21 15.62 -7.40 -0.96
C ALA C 21 16.00 -6.85 -2.33
N THR C 22 15.24 -7.28 -3.32
CA THR C 22 15.64 -7.11 -4.69
C THR C 22 15.13 -5.82 -5.30
N TYR C 23 14.21 -5.13 -4.62
CA TYR C 23 13.69 -3.87 -5.13
C TYR C 23 14.06 -2.66 -4.29
N PHE C 24 14.88 -1.79 -4.88
CA PHE C 24 15.18 -0.50 -4.28
C PHE C 24 14.08 0.49 -4.69
N VAL C 25 13.47 1.15 -3.71
CA VAL C 25 12.34 2.03 -3.96
C VAL C 25 12.73 3.50 -3.77
N HIS C 26 12.49 4.32 -4.78
CA HIS C 26 12.84 5.73 -4.71
C HIS C 26 11.73 6.65 -5.23
N PHE C 27 11.37 7.65 -4.44
CA PHE C 27 10.44 8.69 -4.87
C PHE C 27 11.22 9.89 -5.40
N PRO C 28 11.11 10.17 -6.71
CA PRO C 28 11.80 11.29 -7.35
C PRO C 28 11.51 12.63 -6.68
N ASP C 29 10.30 12.78 -6.12
CA ASP C 29 9.90 14.05 -5.50
C ASP C 29 10.49 14.27 -4.11
N PHE C 30 11.10 13.23 -3.55
CA PHE C 30 11.80 13.35 -2.28
C PHE C 30 13.26 12.95 -2.48
N GLU C 31 14.16 13.92 -2.39
CA GLU C 31 15.54 13.71 -2.81
C GLU C 31 16.23 12.63 -2.01
N TYR C 32 16.83 11.67 -2.72
CA TYR C 32 17.55 10.56 -2.12
C TYR C 32 16.66 9.72 -1.22
N SER C 33 15.36 9.75 -1.48
CA SER C 33 14.43 8.90 -0.75
C SER C 33 14.78 7.44 -1.03
N ALA C 34 14.90 6.63 0.02
CA ALA C 34 15.27 5.24 -0.16
C ALA C 34 14.57 4.29 0.80
N THR C 35 13.99 3.23 0.24
CA THR C 35 13.51 2.09 1.02
C THR C 35 13.56 0.90 0.09
N GLN C 36 13.16 -0.27 0.57
CA GLN C 36 13.29 -1.47 -0.24
C GLN C 36 12.30 -2.55 0.17
N GLY C 37 12.15 -3.55 -0.69
CA GLY C 37 11.34 -4.73 -0.38
C GLY C 37 11.85 -5.94 -1.11
N GLU C 38 11.49 -7.12 -0.59
CA GLU C 38 11.98 -8.37 -1.17
C GLU C 38 11.29 -8.66 -2.50
N GLY C 39 9.97 -8.73 -2.49
CA GLY C 39 9.22 -8.89 -3.72
C GLY C 39 8.47 -7.62 -4.10
N ILE C 40 7.64 -7.69 -5.13
CA ILE C 40 6.81 -6.56 -5.56
C ILE C 40 5.87 -6.03 -4.47
N SER C 41 5.12 -6.92 -3.81
CA SER C 41 4.17 -6.49 -2.79
C SER C 41 4.88 -5.85 -1.61
N GLU C 42 5.97 -6.45 -1.15
CA GLU C 42 6.66 -5.91 0.02
C GLU C 42 7.28 -4.56 -0.31
N ALA C 43 7.86 -4.45 -1.50
CA ALA C 43 8.48 -3.20 -1.94
C ALA C 43 7.47 -2.06 -1.95
N LEU C 44 6.27 -2.33 -2.49
CA LEU C 44 5.19 -1.34 -2.46
C LEU C 44 4.76 -0.99 -1.03
N ALA C 45 4.58 -2.01 -0.19
CA ALA C 45 4.18 -1.79 1.19
C ALA C 45 5.21 -0.95 1.96
N MET C 46 6.49 -1.21 1.71
CA MET C 46 7.53 -0.44 2.37
C MET C 46 7.60 0.97 1.81
N GLY C 47 7.38 1.10 0.50
CA GLY C 47 7.33 2.40 -0.12
C GLY C 47 6.21 3.24 0.47
N SER C 48 5.08 2.58 0.73
CA SER C 48 3.91 3.25 1.30
C SER C 48 4.19 3.69 2.74
N GLU C 49 4.85 2.81 3.49
CA GLU C 49 5.15 3.09 4.90
C GLU C 49 6.14 4.25 5.02
N TRP C 50 7.19 4.19 4.22
CA TRP C 50 8.18 5.27 4.15
C TRP C 50 7.48 6.59 3.82
N LEU C 51 6.56 6.54 2.86
CA LEU C 51 5.85 7.72 2.42
C LEU C 51 4.97 8.29 3.53
N GLY C 52 4.29 7.41 4.26
CA GLY C 52 3.43 7.84 5.35
C GLY C 52 4.21 8.59 6.40
N ILE C 53 5.29 7.98 6.87
CA ILE C 53 6.16 8.59 7.87
C ILE C 53 6.74 9.93 7.40
N THR C 54 7.25 9.96 6.17
CA THR C 54 7.87 11.17 5.62
C THR C 54 6.86 12.32 5.52
N VAL C 55 5.68 12.02 4.97
CA VAL C 55 4.67 13.05 4.76
C VAL C 55 4.04 13.49 6.08
N ALA C 56 3.84 12.54 6.99
CA ALA C 56 3.32 12.90 8.33
C ALA C 56 4.28 13.84 9.04
N ASP C 57 5.57 13.62 8.86
CA ASP C 57 6.59 14.48 9.47
C ASP C 57 6.53 15.88 8.90
N LEU C 58 6.35 15.97 7.59
CA LEU C 58 6.27 17.26 6.92
C LEU C 58 5.05 18.05 7.38
N ILE C 59 3.94 17.34 7.58
CA ILE C 59 2.70 17.98 8.02
C ILE C 59 2.78 18.46 9.47
N GLU C 60 3.28 17.60 10.35
CA GLU C 60 3.35 17.93 11.77
C GLU C 60 4.47 18.93 12.09
N SER C 61 5.40 19.10 11.14
CA SER C 61 6.40 20.16 11.21
C SER C 61 5.99 21.35 10.36
N ASP C 62 4.83 21.23 9.72
CA ASP C 62 4.27 22.25 8.83
C ASP C 62 5.22 22.65 7.69
N GLY C 63 6.02 21.71 7.22
CA GLY C 63 6.76 21.89 5.98
C GLY C 63 5.79 21.74 4.82
N GLU C 64 6.25 22.05 3.62
CA GLU C 64 5.38 21.94 2.45
C GLU C 64 5.54 20.57 1.79
N LEU C 65 4.43 20.02 1.33
CA LEU C 65 4.45 18.76 0.59
C LEU C 65 4.80 19.02 -0.87
N PRO C 66 5.77 18.27 -1.40
CA PRO C 66 6.14 18.49 -2.80
C PRO C 66 4.99 18.09 -3.71
N GLN C 67 4.74 18.85 -4.76
CA GLN C 67 3.80 18.46 -5.79
C GLN C 67 4.26 17.14 -6.42
N PRO C 68 3.35 16.18 -6.59
CA PRO C 68 3.70 14.89 -7.20
C PRO C 68 4.09 15.04 -8.67
N SER C 69 5.14 14.34 -9.09
CA SER C 69 5.57 14.37 -10.48
C SER C 69 4.54 13.66 -11.36
N ASP C 70 4.48 14.07 -12.63
CA ASP C 70 3.70 13.34 -13.63
C ASP C 70 4.42 12.02 -13.88
N ILE C 71 3.71 10.92 -13.69
CA ILE C 71 4.34 9.60 -13.73
C ILE C 71 4.85 9.28 -15.13
N ASN C 72 4.19 9.85 -16.15
CA ASN C 72 4.56 9.62 -17.54
C ASN C 72 5.82 10.37 -17.97
N SER C 73 6.26 11.32 -17.15
CA SER C 73 7.46 12.08 -17.44
C SER C 73 8.69 11.49 -16.75
N LEU C 74 8.51 10.36 -16.05
CA LEU C 74 9.61 9.75 -15.30
C LEU C 74 10.33 8.67 -16.09
N SER C 75 11.63 8.56 -15.89
CA SER C 75 12.44 7.52 -16.50
C SER C 75 13.32 6.84 -15.47
N LEU C 76 13.46 5.51 -15.57
CA LEU C 76 14.35 4.79 -14.69
C LEU C 76 15.79 5.24 -14.91
N ILE C 77 16.06 5.70 -16.12
CA ILE C 77 17.38 6.20 -16.48
C ILE C 77 17.57 7.64 -16.00
N ASP C 78 16.78 8.57 -16.54
CA ASP C 78 16.96 9.99 -16.28
C ASP C 78 16.67 10.41 -14.84
N ASN C 79 15.77 9.70 -14.16
CA ASN C 79 15.41 10.05 -12.78
C ASN C 79 16.16 9.23 -11.73
N ASP C 80 17.11 8.42 -12.19
CA ASP C 80 18.03 7.72 -11.30
C ASP C 80 18.63 8.74 -10.33
N PRO C 81 18.45 8.51 -9.03
CA PRO C 81 18.93 9.47 -8.02
C PRO C 81 20.46 9.55 -7.97
N PHE C 82 21.14 8.48 -8.38
CA PHE C 82 22.60 8.43 -8.36
C PHE C 82 23.29 8.71 -9.70
N LYS C 83 22.53 9.08 -10.72
CA LYS C 83 23.09 9.23 -12.07
C LYS C 83 24.23 10.25 -12.16
N ASP C 84 24.21 11.28 -11.33
CA ASP C 84 25.24 12.31 -11.37
C ASP C 84 26.34 12.09 -10.33
N ASP C 85 26.26 10.99 -9.59
CA ASP C 85 27.19 10.74 -8.49
C ASP C 85 28.42 9.99 -8.99
N GLU C 86 29.56 10.67 -8.92
CA GLU C 86 30.80 10.18 -9.50
C GLU C 86 31.34 8.93 -8.82
N ASP C 87 31.00 8.73 -7.55
CA ASP C 87 31.59 7.65 -6.76
C ASP C 87 30.75 6.37 -6.68
N PHE C 88 29.60 6.35 -7.34
CA PHE C 88 28.72 5.19 -7.22
C PHE C 88 28.53 4.47 -8.56
N VAL C 89 28.40 3.15 -8.48
CA VAL C 89 28.12 2.34 -9.65
C VAL C 89 26.81 1.58 -9.50
N SER C 90 25.81 1.93 -10.31
CA SER C 90 24.54 1.21 -10.34
C SER C 90 24.66 0.02 -11.28
N THR C 91 24.16 -1.13 -10.85
CA THR C 91 23.85 -2.18 -11.81
C THR C 91 22.36 -2.50 -11.78
N TYR C 92 21.59 -1.96 -12.71
CA TYR C 92 20.14 -2.20 -12.74
C TYR C 92 19.84 -3.22 -13.81
N ASP C 93 18.89 -4.11 -13.57
CA ASP C 93 18.27 -4.79 -14.69
C ASP C 93 17.01 -3.98 -15.01
N LEU C 94 17.04 -3.25 -16.11
CA LEU C 94 16.02 -2.27 -16.44
C LEU C 94 14.67 -2.91 -16.69
N ASP C 95 14.69 -4.11 -17.25
CA ASP C 95 13.47 -4.77 -17.65
C ASP C 95 12.72 -5.34 -16.45
N LYS C 96 13.43 -5.62 -15.37
CA LYS C 96 12.82 -6.14 -14.16
C LYS C 96 12.46 -5.00 -13.22
N SER C 97 12.77 -3.79 -13.65
CA SER C 97 12.49 -2.58 -12.88
C SER C 97 11.24 -1.92 -13.44
N PHE C 98 10.47 -1.28 -12.57
CA PHE C 98 9.24 -0.64 -13.03
C PHE C 98 8.96 0.66 -12.30
N ILE C 99 8.03 1.42 -12.87
CA ILE C 99 7.55 2.65 -12.27
C ILE C 99 6.10 2.42 -11.86
N SER C 100 5.72 2.91 -10.69
CA SER C 100 4.35 2.75 -10.26
C SER C 100 3.96 3.83 -9.25
N MET C 101 2.66 4.10 -9.17
CA MET C 101 2.14 4.94 -8.10
C MET C 101 2.24 4.23 -6.77
N VAL C 102 2.47 4.99 -5.71
CA VAL C 102 2.41 4.47 -4.36
C VAL C 102 1.51 5.37 -3.52
N SER C 103 0.51 4.78 -2.88
CA SER C 103 -0.44 5.52 -2.06
C SER C 103 -0.22 5.24 -0.59
N VAL C 104 -0.59 6.20 0.25
CA VAL C 104 -0.65 5.99 1.68
C VAL C 104 -1.73 6.88 2.29
N ASP C 105 -2.40 6.37 3.31
CA ASP C 105 -3.29 7.18 4.12
C ASP C 105 -2.47 7.72 5.28
N VAL C 106 -2.23 9.03 5.29
CA VAL C 106 -1.31 9.64 6.25
C VAL C 106 -1.96 9.74 7.64
N SER C 107 -3.27 9.50 7.69
CA SER C 107 -4.00 9.51 8.96
C SER C 107 -3.45 8.50 9.95
N GLU C 108 -2.92 7.40 9.45
CA GLU C 108 -2.39 6.36 10.33
C GLU C 108 -1.06 6.78 10.95
N TYR C 109 -0.38 7.73 10.30
CA TYR C 109 0.94 8.16 10.73
C TYR C 109 0.92 9.46 11.54
N LEU C 110 -0.25 10.04 11.71
CA LEU C 110 -0.39 11.33 12.38
C LEU C 110 -0.68 11.18 13.87
N GLY C 111 -0.16 12.12 14.67
CA GLY C 111 -0.54 12.24 16.07
C GLY C 111 0.16 11.33 17.04
N SER C 112 1.32 10.81 16.66
CA SER C 112 2.04 9.86 17.48
C SER C 112 2.74 10.54 18.66
N GLN C 113 2.98 11.84 18.51
CA GLN C 113 3.62 12.60 19.59
C GLN C 113 2.59 13.31 20.46
N GLU C 114 1.30 13.10 20.19
CA GLU C 114 0.23 13.70 20.98
C GLU C 114 0.36 13.35 22.46
N PRO C 115 0.32 14.37 23.33
CA PRO C 115 0.41 14.11 24.77
C PRO C 115 -0.82 13.35 25.29
N ILE C 116 -0.62 12.26 26.01
CA ILE C 116 -1.73 11.50 26.58
C ILE C 116 -1.64 11.57 28.10
N LYS C 117 -2.70 12.09 28.73
CA LYS C 117 -2.71 12.22 30.18
C LYS C 117 -2.87 10.87 30.87
N LYS C 118 -1.99 10.59 31.82
CA LYS C 118 -2.05 9.37 32.60
C LYS C 118 -2.24 9.70 34.08
N THR C 119 -3.10 8.95 34.76
CA THR C 119 -3.26 9.10 36.20
C THR C 119 -2.58 7.93 36.90
N LEU C 120 -1.49 8.22 37.60
CA LEU C 120 -0.63 7.18 38.15
C LEU C 120 -0.68 7.18 39.66
N THR C 121 -0.40 6.02 40.23
CA THR C 121 -0.26 5.91 41.68
C THR C 121 1.09 5.28 41.96
N ILE C 122 1.97 6.02 42.63
CA ILE C 122 3.27 5.50 42.99
C ILE C 122 3.45 5.65 44.50
N PRO C 123 4.28 4.79 45.11
CA PRO C 123 4.56 4.95 46.54
C PRO C 123 5.34 6.23 46.82
N LYS C 124 5.18 6.75 48.04
CA LYS C 124 5.84 7.98 48.44
C LYS C 124 7.37 7.85 48.37
N TRP C 125 7.91 6.67 48.65
CA TRP C 125 9.36 6.49 48.61
C TRP C 125 9.89 6.71 47.19
N ALA C 126 9.09 6.34 46.20
CA ALA C 126 9.48 6.51 44.79
C ALA C 126 9.36 7.98 44.40
N ASP C 127 8.30 8.61 44.86
CA ASP C 127 8.11 10.05 44.65
C ASP C 127 9.28 10.83 45.20
N LYS C 128 9.61 10.57 46.47
CA LYS C 128 10.71 11.25 47.15
C LYS C 128 12.04 10.95 46.48
N LEU C 129 12.24 9.69 46.08
CA LEU C 129 13.49 9.27 45.46
C LEU C 129 13.68 9.95 44.10
N GLY C 130 12.64 9.95 43.29
CA GLY C 130 12.71 10.50 41.95
C GLY C 130 13.06 11.98 41.99
N ARG C 131 12.40 12.69 42.90
CA ARG C 131 12.60 14.13 43.08
C ARG C 131 14.00 14.44 43.63
N GLU C 132 14.48 13.59 44.54
CA GLU C 132 15.83 13.72 45.08
C GLU C 132 16.87 13.59 43.97
N MET C 133 16.54 12.81 42.96
CA MET C 133 17.41 12.64 41.81
C MET C 133 17.09 13.66 40.71
N GLY C 134 16.11 14.53 40.97
CA GLY C 134 15.73 15.55 40.01
C GLY C 134 15.18 14.98 38.72
N LEU C 135 14.58 13.80 38.80
CA LEU C 135 14.10 13.10 37.62
C LEU C 135 12.97 13.86 36.94
N ASN C 136 12.81 13.57 35.66
CA ASN C 136 11.63 13.97 34.93
C ASN C 136 10.74 12.74 34.83
N PHE C 137 9.65 12.72 35.60
CA PHE C 137 8.81 11.54 35.71
C PHE C 137 8.19 11.14 34.38
N SER C 138 7.79 12.12 33.59
CA SER C 138 7.19 11.87 32.30
C SER C 138 8.19 11.17 31.40
N GLN C 139 9.39 11.77 31.30
CA GLN C 139 10.45 11.23 30.45
C GLN C 139 10.90 9.85 30.93
N THR C 140 10.98 9.66 32.24
CA THR C 140 11.43 8.40 32.83
C THR C 140 10.47 7.27 32.50
N LEU C 141 9.17 7.55 32.55
CA LEU C 141 8.16 6.56 32.20
C LEU C 141 8.21 6.23 30.70
N THR C 142 8.32 7.26 29.87
CA THR C 142 8.42 7.10 28.42
C THR C 142 9.62 6.21 28.04
N ASP C 143 10.80 6.53 28.58
CA ASP C 143 12.01 5.74 28.35
C ASP C 143 11.81 4.30 28.80
N ALA C 144 11.20 4.12 29.96
CA ALA C 144 10.94 2.80 30.52
C ALA C 144 10.06 1.95 29.60
N ILE C 145 9.06 2.58 28.99
CA ILE C 145 8.17 1.88 28.07
C ILE C 145 8.91 1.50 26.78
N ALA C 146 9.67 2.45 26.23
CA ALA C 146 10.48 2.20 25.05
C ALA C 146 11.54 1.15 25.32
N ASP C 147 11.98 1.06 26.57
CA ASP C 147 12.99 0.07 26.96
C ASP C 147 12.44 -1.36 27.05
N LYS C 148 11.18 -1.50 27.47
CA LYS C 148 10.56 -2.83 27.56
C LYS C 148 10.38 -3.44 26.17
N LYS C 149 10.32 -2.57 25.15
CA LYS C 149 10.70 -2.93 23.77
C LYS C 149 10.62 -1.71 22.87
N PRO D 32 27.38 0.20 6.90
CA PRO D 32 25.96 0.06 7.26
C PRO D 32 25.20 -0.83 6.28
N MET D 33 25.43 -2.13 6.36
CA MET D 33 24.63 -3.09 5.61
C MET D 33 23.31 -3.35 6.33
N THR D 34 23.27 -3.07 7.62
CA THR D 34 22.07 -3.29 8.44
C THR D 34 21.54 -2.00 9.04
N GLN D 35 20.28 -2.02 9.46
CA GLN D 35 19.66 -0.86 10.11
C GLN D 35 20.49 -0.44 11.32
N LYS D 36 20.86 -1.42 12.15
CA LYS D 36 21.60 -1.15 13.37
C LYS D 36 22.93 -0.44 13.08
N GLU D 37 23.68 -0.97 12.12
CA GLU D 37 24.96 -0.36 11.72
C GLU D 37 24.74 1.05 11.17
N MET D 38 23.65 1.24 10.46
CA MET D 38 23.32 2.53 9.86
C MET D 38 22.97 3.55 10.93
N VAL D 39 22.14 3.15 11.89
CA VAL D 39 21.80 3.98 13.03
C VAL D 39 23.06 4.40 13.77
N LYS D 40 23.92 3.42 14.04
CA LYS D 40 25.22 3.65 14.65
C LYS D 40 26.02 4.72 13.90
N LEU D 41 26.11 4.58 12.58
CA LEU D 41 26.86 5.52 11.75
C LEU D 41 26.34 6.95 11.85
N LEU D 42 25.03 7.11 11.68
CA LEU D 42 24.42 8.44 11.73
C LEU D 42 24.51 9.02 13.14
N THR D 43 24.35 8.17 14.15
CA THR D 43 24.47 8.59 15.54
C THR D 43 25.84 9.20 15.80
N ALA D 44 26.88 8.59 15.21
CA ALA D 44 28.25 9.08 15.37
C ALA D 44 28.47 10.38 14.61
N HIS D 45 27.62 10.66 13.64
CA HIS D 45 27.67 11.90 12.88
C HIS D 45 26.67 12.96 13.34
N GLY D 46 26.03 12.72 14.48
CA GLY D 46 25.24 13.75 15.13
C GLY D 46 23.74 13.57 15.06
N TRP D 47 23.31 12.48 14.44
CA TRP D 47 21.88 12.16 14.36
C TRP D 47 21.44 11.44 15.63
N ILE D 48 20.20 11.67 16.04
CA ILE D 48 19.66 11.02 17.22
C ILE D 48 18.48 10.14 16.84
N LYS D 49 18.50 8.86 17.22
CA LYS D 49 17.36 8.00 16.94
C LYS D 49 16.17 8.49 17.77
N THR D 50 14.97 8.24 17.27
CA THR D 50 13.79 8.98 17.64
C THR D 50 12.64 7.98 17.73
N ARG D 51 11.50 8.36 18.30
CA ARG D 51 10.28 7.59 18.12
C ARG D 51 9.33 8.41 17.22
N GLY D 52 8.47 7.73 16.47
CA GLY D 52 7.80 8.36 15.36
C GLY D 52 8.17 7.81 13.98
N GLY D 53 9.12 6.89 13.90
CA GLY D 53 9.15 5.97 12.78
C GLY D 53 8.23 4.85 13.22
N LYS D 54 7.43 4.30 12.31
CA LYS D 54 6.47 3.27 12.69
C LYS D 54 6.77 1.96 11.98
N GLY D 55 6.03 0.91 12.31
CA GLY D 55 6.11 -0.32 11.54
C GLY D 55 7.52 -0.87 11.41
N SER D 56 7.97 -0.98 10.17
CA SER D 56 9.27 -1.56 9.84
C SER D 56 10.41 -0.54 9.70
N HIS D 57 10.11 0.74 9.93
CA HIS D 57 11.10 1.80 9.80
C HIS D 57 11.38 2.49 11.13
N ILE D 58 12.58 3.04 11.27
CA ILE D 58 12.87 3.94 12.39
C ILE D 58 13.23 5.32 11.84
N LYS D 59 13.12 6.34 12.67
CA LYS D 59 13.39 7.71 12.25
C LYS D 59 14.59 8.32 12.98
N MET D 60 15.56 8.82 12.22
CA MET D 60 16.69 9.56 12.79
C MET D 60 16.41 11.05 12.67
N GLU D 61 16.78 11.82 13.69
CA GLU D 61 16.58 13.26 13.64
C GLU D 61 17.81 14.06 14.07
N LYS D 62 17.94 15.26 13.50
CA LYS D 62 19.01 16.19 13.80
C LYS D 62 18.52 17.61 13.53
N GLN D 63 19.02 18.59 14.28
CA GLN D 63 18.56 19.97 14.14
C GLN D 63 18.80 20.52 12.74
N GLY D 64 17.78 21.17 12.19
CA GLY D 64 17.90 21.83 10.90
C GLY D 64 17.94 20.90 9.70
N GLU D 65 17.62 19.63 9.92
CA GLU D 65 17.64 18.66 8.82
C GLU D 65 16.30 17.92 8.68
N ARG D 66 15.94 17.62 7.44
CA ARG D 66 14.87 16.69 7.16
C ARG D 66 15.23 15.32 7.75
N PRO D 67 14.33 14.74 8.54
CA PRO D 67 14.64 13.47 9.20
C PRO D 67 14.85 12.32 8.19
N ILE D 68 15.51 11.27 8.64
CA ILE D 68 15.88 10.16 7.79
C ILE D 68 15.21 8.89 8.27
N THR D 69 14.54 8.20 7.34
CA THR D 69 13.72 7.04 7.67
C THR D 69 14.38 5.75 7.18
N ILE D 70 14.69 4.86 8.12
CA ILE D 70 15.55 3.71 7.85
C ILE D 70 14.84 2.37 8.07
N LEU D 71 14.81 1.55 7.03
CA LEU D 71 14.20 0.22 7.11
C LEU D 71 15.03 -0.73 7.99
N HIS D 72 14.36 -1.65 8.67
CA HIS D 72 15.04 -2.65 9.49
C HIS D 72 15.76 -3.71 8.67
N GLY D 73 16.71 -4.39 9.31
CA GLY D 73 17.38 -5.52 8.69
C GLY D 73 18.45 -5.13 7.70
N GLU D 74 18.84 -6.08 6.85
CA GLU D 74 19.89 -5.84 5.86
C GLU D 74 19.41 -4.89 4.78
N LEU D 75 20.26 -3.93 4.43
CA LEU D 75 19.94 -2.95 3.41
C LEU D 75 20.78 -3.20 2.16
N ASN D 76 20.15 -3.14 0.98
CA ASN D 76 20.90 -3.27 -0.26
C ASN D 76 21.69 -1.99 -0.54
N LYS D 77 22.67 -2.09 -1.43
CA LYS D 77 23.61 -1.00 -1.64
C LYS D 77 22.96 0.32 -2.05
N TYR D 78 21.78 0.24 -2.69
CA TYR D 78 21.07 1.45 -3.11
C TYR D 78 20.42 2.17 -1.94
N THR D 79 19.68 1.41 -1.12
CA THR D 79 19.03 1.96 0.07
C THR D 79 20.07 2.61 0.97
N GLU D 80 21.14 1.87 1.26
CA GLU D 80 22.24 2.38 2.06
C GLU D 80 22.73 3.71 1.50
N ARG D 81 23.04 3.70 0.21
CA ARG D 81 23.59 4.89 -0.44
C ARG D 81 22.65 6.09 -0.35
N GLY D 82 21.36 5.86 -0.55
CA GLY D 82 20.39 6.93 -0.45
C GLY D 82 20.33 7.53 0.93
N ILE D 83 20.38 6.66 1.94
CA ILE D 83 20.37 7.09 3.33
C ILE D 83 21.62 7.92 3.64
N ARG D 84 22.78 7.45 3.19
CA ARG D 84 24.02 8.20 3.33
C ARG D 84 23.93 9.58 2.67
N LYS D 85 23.38 9.61 1.46
CA LYS D 85 23.29 10.86 0.71
C LYS D 85 22.38 11.86 1.43
N GLN D 86 21.30 11.36 2.02
CA GLN D 86 20.41 12.20 2.80
C GLN D 86 21.15 12.85 3.96
N ALA D 87 22.03 12.08 4.59
CA ALA D 87 22.78 12.55 5.77
C ALA D 87 24.07 13.27 5.38
N GLY D 88 24.33 13.37 4.08
CA GLY D 88 25.53 14.04 3.60
C GLY D 88 26.80 13.25 3.85
N LEU D 89 26.67 11.93 3.91
CA LEU D 89 27.81 11.05 4.16
C LEU D 89 28.19 10.28 2.90
S SO4 E . -5.25 13.14 -5.66
O1 SO4 E . -5.31 13.99 -6.85
O2 SO4 E . -3.94 13.24 -5.03
O3 SO4 E . -6.28 13.56 -4.70
O4 SO4 E . -5.48 11.76 -6.07
S SO4 F . 2.64 1.44 -25.70
O1 SO4 F . 3.46 2.44 -26.38
O2 SO4 F . 2.41 0.32 -26.63
O3 SO4 F . 1.36 2.03 -25.31
O4 SO4 F . 3.34 0.96 -24.52
C1 GOL G . -11.53 -16.83 19.21
O1 GOL G . -12.80 -16.85 18.62
C2 GOL G . -11.28 -15.41 19.73
O2 GOL G . -9.97 -15.29 20.23
C3 GOL G . -12.30 -15.10 20.80
O3 GOL G . -12.38 -13.70 20.94
S SO4 H . 4.76 -10.62 -4.79
O1 SO4 H . 5.08 -9.30 -4.25
O2 SO4 H . 6.00 -11.25 -5.25
O3 SO4 H . 4.14 -11.43 -3.73
O4 SO4 H . 3.81 -10.47 -5.88
#